data_4UE8
#
_entry.id   4UE8
#
_cell.length_a   35.450
_cell.length_b   73.290
_cell.length_c   38.260
_cell.angle_alpha   90.00
_cell.angle_beta   112.49
_cell.angle_gamma   90.00
#
_symmetry.space_group_name_H-M   'P 1 21 1'
#
loop_
_entity.id
_entity.type
_entity.pdbx_description
1 polymer 'EUKARYOTIC TRANSLATION INITIATION FACTOR 4E'
2 polymer '4E-BINDING PROTEIN THOR'
3 non-polymer 'SODIUM ION'
4 non-polymer 1-ETHOXY-2-(2-ETHOXYETHOXY)ETHANE
5 water water
#
loop_
_entity_poly.entity_id
_entity_poly.type
_entity_poly.pdbx_seq_one_letter_code
_entity_poly.pdbx_strand_id
1 'polypeptide(L)'
;GPHMKHPLMNVWTLWYLENDRSKSWEDMQNEITSFDTVEDFWSLYNHIKPPSEIKLGSDYSLFKKNIRPMWEDAANKQGG
RWVITLNKSSKTDLDNLWLDVLLCLIGEAFDHSDQICGAVINIRGKSNKISIWTADGNNEEAALEIGHKLRDALRLGRNN
SLQYQLHKDTMVKQGSNVKSIYTL
;
A
2 'polypeptide(L)' GPHMTKLIYERAFMKNLRGSPLSQTPPSNVPSCLLRGT B
#
loop_
_chem_comp.id
_chem_comp.type
_chem_comp.name
_chem_comp.formula
NA non-polymer 'SODIUM ION' 'Na 1'
P4G non-polymer 1-ETHOXY-2-(2-ETHOXYETHOXY)ETHANE 'C8 H18 O3'
#
# COMPACT_ATOMS: atom_id res chain seq x y z
N PRO A 2 21.15 14.25 16.63
CA PRO A 2 19.98 13.49 17.09
C PRO A 2 19.15 12.98 15.92
N HIS A 3 18.31 11.98 16.18
CA HIS A 3 17.43 11.47 15.14
C HIS A 3 16.42 12.53 14.73
N MET A 4 16.15 12.61 13.43
CA MET A 4 15.19 13.55 12.86
C MET A 4 14.31 12.72 11.94
N LYS A 5 13.01 12.97 11.92
CA LYS A 5 12.14 12.20 11.02
C LYS A 5 12.39 12.57 9.56
N HIS A 6 12.07 11.63 8.70
CA HIS A 6 12.27 11.72 7.26
C HIS A 6 10.94 11.89 6.56
N PRO A 7 10.64 13.11 6.10
CA PRO A 7 9.36 13.33 5.41
C PRO A 7 9.18 12.51 4.15
N LEU A 8 7.94 12.17 3.87
CA LEU A 8 7.54 11.53 2.62
C LEU A 8 7.11 12.61 1.62
N MET A 9 7.14 12.28 0.34
CA MET A 9 6.65 13.16 -0.71
CA MET A 9 6.66 13.22 -0.65
C MET A 9 5.18 13.51 -0.47
N ASN A 10 4.41 12.48 -0.13
CA ASN A 10 2.97 12.60 0.02
C ASN A 10 2.53 12.22 1.42
N VAL A 11 1.35 12.72 1.79
CA VAL A 11 0.63 12.24 2.96
C VAL A 11 -0.20 11.03 2.55
N TRP A 12 -0.20 10.00 3.40
CA TRP A 12 -0.93 8.77 3.13
C TRP A 12 -1.87 8.47 4.29
N THR A 13 -2.95 7.75 3.97
CA THR A 13 -3.92 7.33 4.96
C THR A 13 -4.17 5.84 4.85
N LEU A 14 -4.16 5.17 6.01
CA LEU A 14 -4.55 3.78 6.14
C LEU A 14 -6.03 3.67 6.39
N TRP A 15 -6.68 2.81 5.62
CA TRP A 15 -8.08 2.51 5.73
C TRP A 15 -8.25 1.03 6.05
N TYR A 16 -9.30 0.71 6.79
CA TYR A 16 -9.63 -0.66 7.15
C TYR A 16 -11.10 -0.90 6.82
N LEU A 17 -11.36 -1.97 6.07
CA LEU A 17 -12.71 -2.38 5.72
C LEU A 17 -12.99 -3.69 6.39
N GLU A 18 -14.06 -3.74 7.18
CA GLU A 18 -14.45 -4.99 7.80
C GLU A 18 -14.83 -6.09 6.80
N ASN A 19 -15.68 -5.76 5.84
CA ASN A 19 -16.07 -6.72 4.81
C ASN A 19 -16.66 -6.01 3.58
N ASP A 27 -18.52 4.31 1.69
CA ASP A 27 -19.65 3.92 2.53
C ASP A 27 -19.17 3.25 3.81
N MET A 28 -18.56 2.07 3.69
CA MET A 28 -18.19 1.27 4.86
C MET A 28 -16.69 1.28 5.19
N GLN A 29 -15.89 2.05 4.47
CA GLN A 29 -14.48 2.14 4.79
C GLN A 29 -14.27 2.88 6.10
N ASN A 30 -13.31 2.44 6.90
CA ASN A 30 -12.91 3.17 8.10
C ASN A 30 -11.56 3.81 7.92
N GLU A 31 -11.52 5.13 8.04
CA GLU A 31 -10.27 5.88 7.99
C GLU A 31 -9.56 5.71 9.34
N ILE A 32 -8.36 5.15 9.34
CA ILE A 32 -7.66 4.82 10.57
C ILE A 32 -6.70 5.95 10.97
N THR A 33 -5.63 6.16 10.20
CA THR A 33 -4.52 7.03 10.59
C THR A 33 -3.90 7.58 9.32
N SER A 34 -3.44 8.83 9.38
CA SER A 34 -2.62 9.40 8.32
C SER A 34 -1.21 9.61 8.82
N PHE A 35 -0.26 9.64 7.91
CA PHE A 35 1.13 9.88 8.25
C PHE A 35 1.87 10.53 7.08
N ASP A 36 3.00 11.16 7.38
CA ASP A 36 3.74 11.85 6.35
C ASP A 36 5.25 11.80 6.55
N THR A 37 5.73 10.84 7.35
CA THR A 37 7.16 10.56 7.46
C THR A 37 7.37 9.07 7.46
N VAL A 38 8.60 8.65 7.16
CA VAL A 38 8.95 7.23 7.18
C VAL A 38 8.73 6.66 8.58
N GLU A 39 9.18 7.39 9.60
CA GLU A 39 9.10 6.90 10.97
C GLU A 39 7.67 6.82 11.48
N ASP A 40 6.81 7.74 11.07
CA ASP A 40 5.40 7.65 11.43
C ASP A 40 4.73 6.47 10.70
N PHE A 41 5.15 6.18 9.47
CA PHE A 41 4.69 4.97 8.82
C PHE A 41 5.08 3.75 9.67
N TRP A 42 6.35 3.65 10.05
CA TRP A 42 6.77 2.47 10.82
C TRP A 42 6.08 2.41 12.17
N SER A 43 5.87 3.55 12.82
CA SER A 43 5.19 3.55 14.10
C SER A 43 3.80 2.92 13.97
N LEU A 44 3.12 3.25 12.88
CA LEU A 44 1.82 2.65 12.60
C LEU A 44 1.96 1.17 12.24
N TYR A 45 2.78 0.86 11.25
CA TYR A 45 2.90 -0.50 10.76
C TYR A 45 3.36 -1.47 11.86
N ASN A 46 4.29 -1.01 12.69
CA ASN A 46 4.85 -1.83 13.77
C ASN A 46 3.82 -2.13 14.85
N HIS A 47 2.78 -1.33 14.96
CA HIS A 47 1.80 -1.53 16.02
C HIS A 47 0.51 -2.19 15.60
N ILE A 48 0.23 -2.27 14.32
CA ILE A 48 -1.01 -2.86 13.86
C ILE A 48 -0.83 -4.28 13.35
N LYS A 49 -1.92 -5.03 13.37
CA LYS A 49 -1.90 -6.38 12.86
C LYS A 49 -1.47 -6.41 11.40
N PRO A 50 -0.57 -7.33 11.05
CA PRO A 50 -0.26 -7.49 9.64
C PRO A 50 -1.43 -8.18 8.92
N PRO A 51 -1.42 -8.17 7.59
CA PRO A 51 -2.48 -8.84 6.84
C PRO A 51 -2.74 -10.29 7.25
N SER A 52 -1.68 -11.00 7.63
CA SER A 52 -1.80 -12.40 8.01
C SER A 52 -2.54 -12.62 9.33
N GLU A 53 -2.90 -11.54 10.01
CA GLU A 53 -3.60 -11.64 11.28
C GLU A 53 -4.91 -10.89 11.33
N ILE A 54 -5.26 -10.10 10.31
CA ILE A 54 -6.54 -9.40 10.34
C ILE A 54 -7.69 -10.34 10.02
N LYS A 55 -8.88 -9.91 10.41
CA LYS A 55 -10.08 -10.68 10.25
C LYS A 55 -10.28 -11.08 8.79
N LEU A 56 -10.59 -12.36 8.57
CA LEU A 56 -10.85 -12.81 7.23
C LEU A 56 -12.03 -12.06 6.62
N GLY A 57 -11.89 -11.68 5.36
CA GLY A 57 -12.89 -10.89 4.69
C GLY A 57 -12.63 -9.39 4.73
N SER A 58 -11.64 -8.98 5.52
CA SER A 58 -11.29 -7.57 5.68
CA SER A 58 -11.35 -7.56 5.64
C SER A 58 -10.33 -7.11 4.60
N ASP A 59 -10.18 -5.79 4.49
CA ASP A 59 -9.18 -5.18 3.64
C ASP A 59 -8.37 -4.16 4.44
N TYR A 60 -7.09 -4.01 4.09
CA TYR A 60 -6.37 -2.78 4.37
C TYR A 60 -6.19 -2.04 3.05
N SER A 61 -6.20 -0.72 3.11
CA SER A 61 -5.90 0.10 1.96
C SER A 61 -5.01 1.25 2.37
N LEU A 62 -4.04 1.62 1.54
CA LEU A 62 -3.22 2.79 1.78
C LEU A 62 -3.34 3.70 0.57
N PHE A 63 -3.91 4.89 0.79
CA PHE A 63 -4.19 5.84 -0.29
C PHE A 63 -3.62 7.21 0.03
N LYS A 64 -3.21 7.90 -1.02
CA LYS A 64 -2.80 9.29 -0.85
C LYS A 64 -3.92 10.10 -0.24
N LYS A 65 -3.53 11.11 0.51
CA LYS A 65 -4.47 11.98 1.14
C LYS A 65 -5.43 12.52 0.10
N ASN A 66 -6.71 12.53 0.47
CA ASN A 66 -7.80 13.00 -0.38
C ASN A 66 -8.25 12.04 -1.47
N ILE A 67 -7.81 10.79 -1.37
CA ILE A 67 -8.34 9.73 -2.21
C ILE A 67 -8.80 8.59 -1.31
N ARG A 68 -9.98 8.05 -1.55
CA ARG A 68 -10.54 6.94 -0.78
C ARG A 68 -10.48 5.67 -1.61
N PRO A 69 -10.50 4.50 -0.95
CA PRO A 69 -10.52 3.21 -1.66
C PRO A 69 -11.89 2.84 -2.22
N MET A 70 -12.51 3.81 -2.88
CA MET A 70 -13.82 3.64 -3.49
C MET A 70 -13.66 3.98 -4.96
N TRP A 71 -13.91 3.00 -5.84
CA TRP A 71 -13.57 3.22 -7.24
C TRP A 71 -14.44 4.27 -7.92
N GLU A 72 -15.66 4.46 -7.42
CA GLU A 72 -16.62 5.32 -8.10
C GLU A 72 -16.43 6.78 -7.76
N ASP A 73 -15.58 7.08 -6.77
CA ASP A 73 -15.22 8.46 -6.46
C ASP A 73 -14.56 9.09 -7.67
N ALA A 74 -14.71 10.41 -7.78
CA ALA A 74 -14.12 11.16 -8.88
C ALA A 74 -12.62 10.89 -9.07
N ALA A 75 -11.90 10.72 -7.97
CA ALA A 75 -10.46 10.53 -8.02
C ALA A 75 -10.05 9.19 -8.68
N ASN A 76 -10.93 8.21 -8.66
CA ASN A 76 -10.61 6.86 -9.14
C ASN A 76 -11.39 6.43 -10.37
N LYS A 77 -12.51 7.08 -10.66
CA LYS A 77 -13.49 6.51 -11.56
C LYS A 77 -12.99 6.26 -12.98
N GLN A 78 -12.01 7.05 -13.43
CA GLN A 78 -11.44 6.85 -14.77
C GLN A 78 -10.16 6.02 -14.72
N GLY A 79 -9.88 5.46 -13.56
CA GLY A 79 -8.63 4.75 -13.33
C GLY A 79 -8.75 3.25 -13.47
N GLY A 80 -7.73 2.58 -12.98
CA GLY A 80 -7.70 1.13 -13.06
C GLY A 80 -6.80 0.59 -11.99
N ARG A 81 -6.58 -0.71 -12.03
CA ARG A 81 -5.73 -1.36 -11.04
C ARG A 81 -4.91 -2.47 -11.65
N TRP A 82 -3.69 -2.56 -11.14
CA TRP A 82 -2.85 -3.73 -11.31
C TRP A 82 -3.19 -4.68 -10.18
N VAL A 83 -3.57 -5.90 -10.52
CA VAL A 83 -4.05 -6.88 -9.56
C VAL A 83 -3.09 -8.05 -9.49
N ILE A 84 -2.69 -8.37 -8.26
CA ILE A 84 -1.78 -9.46 -7.94
C ILE A 84 -2.57 -10.49 -7.14
N THR A 85 -2.55 -11.73 -7.59
CA THR A 85 -3.22 -12.83 -6.89
C THR A 85 -2.23 -13.62 -6.08
N LEU A 86 -2.62 -13.93 -4.86
CA LEU A 86 -1.80 -14.70 -3.94
C LEU A 86 -2.57 -15.93 -3.48
N ASN A 87 -2.30 -17.05 -4.11
CA ASN A 87 -3.04 -18.27 -3.78
C ASN A 87 -2.33 -19.05 -2.68
N LYS A 88 -2.99 -19.19 -1.53
CA LYS A 88 -2.49 -19.97 -0.40
C LYS A 88 -1.07 -19.58 -0.03
N SER A 89 -0.85 -18.28 0.12
CA SER A 89 0.46 -17.75 0.52
CA SER A 89 0.46 -17.75 0.52
C SER A 89 0.75 -18.04 1.99
N SER A 90 2.01 -18.29 2.32
CA SER A 90 2.44 -18.38 3.72
C SER A 90 2.25 -17.00 4.38
N LYS A 91 2.18 -16.96 5.71
CA LYS A 91 1.92 -15.69 6.39
C LYS A 91 3.07 -14.67 6.18
N THR A 92 4.32 -15.11 6.34
CA THR A 92 5.44 -14.18 6.19
CA THR A 92 5.44 -14.18 6.19
C THR A 92 5.55 -13.65 4.76
N ASP A 93 5.28 -14.51 3.78
CA ASP A 93 5.34 -14.08 2.38
C ASP A 93 4.24 -13.06 2.08
N LEU A 94 3.03 -13.31 2.58
CA LEU A 94 1.93 -12.38 2.38
C LEU A 94 2.24 -11.02 2.97
N ASP A 95 2.67 -11.03 4.22
CA ASP A 95 2.96 -9.79 4.89
C ASP A 95 4.11 -9.04 4.23
N ASN A 96 5.14 -9.76 3.79
CA ASN A 96 6.28 -9.13 3.17
C ASN A 96 5.93 -8.49 1.83
N LEU A 97 5.03 -9.14 1.08
CA LEU A 97 4.63 -8.59 -0.20
C LEU A 97 3.82 -7.30 0.01
N TRP A 98 2.89 -7.32 0.97
CA TRP A 98 2.14 -6.12 1.28
C TRP A 98 3.08 -4.98 1.72
N LEU A 99 4.03 -5.28 2.61
CA LEU A 99 4.92 -4.26 3.09
C LEU A 99 5.74 -3.70 1.94
N ASP A 100 6.24 -4.56 1.08
CA ASP A 100 7.02 -4.06 -0.04
C ASP A 100 6.19 -3.18 -1.00
N VAL A 101 4.92 -3.51 -1.18
CA VAL A 101 4.03 -2.63 -1.93
C VAL A 101 3.89 -1.26 -1.24
N LEU A 102 3.67 -1.27 0.06
CA LEU A 102 3.53 -0.01 0.77
C LEU A 102 4.79 0.83 0.65
N LEU A 103 5.95 0.20 0.71
CA LEU A 103 7.20 0.92 0.59
C LEU A 103 7.42 1.46 -0.82
N CYS A 104 7.00 0.72 -1.85
CA CYS A 104 7.04 1.25 -3.21
C CYS A 104 6.19 2.51 -3.33
N LEU A 105 5.03 2.50 -2.69
CA LEU A 105 4.13 3.66 -2.72
C LEU A 105 4.74 4.85 -1.99
N ILE A 106 5.03 4.69 -0.72
CA ILE A 106 5.43 5.85 0.07
C ILE A 106 6.80 6.35 -0.32
N GLY A 107 7.66 5.48 -0.83
CA GLY A 107 8.97 5.89 -1.29
C GLY A 107 8.97 6.49 -2.68
N GLU A 108 7.83 6.50 -3.36
CA GLU A 108 7.69 7.10 -4.69
C GLU A 108 8.60 6.38 -5.67
N ALA A 109 8.55 5.05 -5.63
CA ALA A 109 9.47 4.21 -6.42
C ALA A 109 9.19 4.24 -7.92
N PHE A 110 8.00 4.67 -8.32
CA PHE A 110 7.62 4.66 -9.73
C PHE A 110 7.97 5.99 -10.41
N ASP A 111 8.44 5.93 -11.66
CA ASP A 111 8.67 7.14 -12.42
C ASP A 111 7.36 7.92 -12.52
N HIS A 112 6.26 7.20 -12.68
CA HIS A 112 4.94 7.81 -12.76
C HIS A 112 4.21 7.64 -11.45
N SER A 113 4.94 7.70 -10.33
CA SER A 113 4.32 7.59 -9.02
CA SER A 113 4.32 7.59 -9.02
C SER A 113 3.19 8.60 -8.83
N ASP A 114 3.24 9.71 -9.57
CA ASP A 114 2.13 10.68 -9.54
C ASP A 114 0.76 10.07 -9.93
N GLN A 115 0.76 9.07 -10.81
CA GLN A 115 -0.46 8.38 -11.24
C GLN A 115 -0.99 7.37 -10.24
N ILE A 116 -0.23 7.16 -9.18
CA ILE A 116 -0.64 6.24 -8.14
C ILE A 116 -1.72 6.85 -7.28
N CYS A 117 -2.80 6.10 -7.02
CA CYS A 117 -3.80 6.50 -6.04
C CYS A 117 -3.57 5.80 -4.71
N GLY A 118 -3.33 4.49 -4.73
CA GLY A 118 -3.16 3.74 -3.50
C GLY A 118 -3.07 2.27 -3.79
N ALA A 119 -3.13 1.47 -2.73
CA ALA A 119 -3.12 0.03 -2.84
C ALA A 119 -4.12 -0.57 -1.86
N VAL A 120 -4.63 -1.75 -2.22
CA VAL A 120 -5.62 -2.46 -1.43
C VAL A 120 -5.20 -3.92 -1.31
N ILE A 121 -5.25 -4.46 -0.10
CA ILE A 121 -5.12 -5.91 0.09
C ILE A 121 -6.43 -6.48 0.59
N ASN A 122 -6.94 -7.44 -0.16
CA ASN A 122 -8.13 -8.20 0.19
C ASN A 122 -7.71 -9.53 0.80
N ILE A 123 -8.07 -9.75 2.06
CA ILE A 123 -7.79 -11.01 2.77
C ILE A 123 -9.01 -11.90 2.61
N ARG A 124 -8.87 -12.98 1.84
CA ARG A 124 -10.04 -13.74 1.40
C ARG A 124 -9.95 -15.25 1.55
N GLY A 125 -9.20 -15.71 2.53
CA GLY A 125 -9.17 -17.11 2.89
C GLY A 125 -8.12 -17.81 2.07
N LYS A 126 -8.57 -18.73 1.22
CA LYS A 126 -7.70 -19.51 0.35
C LYS A 126 -6.83 -18.63 -0.53
N SER A 127 -7.39 -17.53 -1.00
CA SER A 127 -6.61 -16.62 -1.83
C SER A 127 -6.68 -15.23 -1.21
N ASN A 128 -5.72 -14.43 -1.61
CA ASN A 128 -5.66 -13.03 -1.27
C ASN A 128 -5.35 -12.27 -2.55
N LYS A 129 -5.62 -10.97 -2.53
CA LYS A 129 -5.32 -10.10 -3.67
CA LYS A 129 -5.38 -10.10 -3.67
C LYS A 129 -4.71 -8.81 -3.18
N ILE A 130 -3.70 -8.34 -3.91
CA ILE A 130 -3.14 -7.02 -3.68
C ILE A 130 -3.26 -6.24 -4.99
N SER A 131 -3.83 -5.05 -4.91
CA SER A 131 -4.03 -4.24 -6.11
C SER A 131 -3.42 -2.85 -5.93
N ILE A 132 -2.84 -2.32 -6.99
CA ILE A 132 -2.32 -0.97 -7.01
C ILE A 132 -3.19 -0.17 -7.97
N TRP A 133 -3.84 0.84 -7.43
CA TRP A 133 -4.81 1.65 -8.14
C TRP A 133 -4.13 2.88 -8.75
N THR A 134 -4.46 3.17 -10.01
CA THR A 134 -3.89 4.28 -10.74
C THR A 134 -5.02 5.19 -11.22
N ALA A 135 -4.69 6.44 -11.53
CA ALA A 135 -5.70 7.48 -11.72
C ALA A 135 -6.34 7.48 -13.11
N ASP A 136 -5.55 7.18 -14.13
CA ASP A 136 -6.01 7.27 -15.51
C ASP A 136 -5.73 5.97 -16.25
N GLY A 137 -6.77 5.18 -16.45
CA GLY A 137 -6.61 3.87 -17.06
C GLY A 137 -6.17 3.93 -18.51
N ASN A 138 -6.26 5.11 -19.11
CA ASN A 138 -5.84 5.30 -20.50
C ASN A 138 -4.44 5.89 -20.63
N ASN A 139 -3.75 6.09 -19.52
CA ASN A 139 -2.38 6.59 -19.56
C ASN A 139 -1.46 5.40 -19.74
N GLU A 140 -1.15 5.11 -21.00
CA GLU A 140 -0.41 3.93 -21.36
C GLU A 140 0.98 3.88 -20.74
N GLU A 141 1.71 4.96 -20.89
CA GLU A 141 3.08 4.97 -20.41
C GLU A 141 3.14 4.73 -18.91
N ALA A 142 2.27 5.41 -18.18
CA ALA A 142 2.25 5.26 -16.72
C ALA A 142 1.82 3.87 -16.30
N ALA A 143 0.73 3.37 -16.89
CA ALA A 143 0.21 2.08 -16.49
C ALA A 143 1.28 1.00 -16.67
N LEU A 144 1.96 1.02 -17.82
CA LEU A 144 2.97 0.00 -18.09
C LEU A 144 4.21 0.13 -17.21
N GLU A 145 4.66 1.36 -16.98
CA GLU A 145 5.83 1.54 -16.12
C GLU A 145 5.54 1.01 -14.71
N ILE A 146 4.37 1.36 -14.20
CA ILE A 146 3.99 0.93 -12.87
C ILE A 146 3.89 -0.60 -12.79
N GLY A 147 3.25 -1.21 -13.78
CA GLY A 147 3.14 -2.66 -13.80
C GLY A 147 4.49 -3.35 -13.88
N HIS A 148 5.38 -2.84 -14.71
CA HIS A 148 6.70 -3.45 -14.86
C HIS A 148 7.52 -3.36 -13.60
N LYS A 149 7.46 -2.21 -12.94
CA LYS A 149 8.20 -2.04 -11.71
C LYS A 149 7.63 -2.90 -10.58
N LEU A 150 6.31 -3.06 -10.55
CA LEU A 150 5.71 -3.97 -9.58
C LEU A 150 6.24 -5.40 -9.78
N ARG A 151 6.25 -5.87 -11.02
CA ARG A 151 6.75 -7.20 -11.30
C ARG A 151 8.18 -7.37 -10.77
N ASP A 152 9.02 -6.40 -11.06
CA ASP A 152 10.43 -6.48 -10.70
C ASP A 152 10.63 -6.32 -9.20
N ALA A 153 10.02 -5.29 -8.63
CA ALA A 153 10.23 -4.96 -7.23
C ALA A 153 9.73 -6.09 -6.33
N LEU A 154 8.65 -6.73 -6.73
CA LEU A 154 8.01 -7.74 -5.91
C LEU A 154 8.41 -9.17 -6.30
N ARG A 155 9.20 -9.29 -7.37
CA ARG A 155 9.63 -10.60 -7.88
C ARG A 155 8.42 -11.50 -8.12
N LEU A 156 7.42 -10.95 -8.80
CA LEU A 156 6.20 -11.66 -9.11
C LEU A 156 6.47 -12.74 -10.15
N GLY A 157 5.68 -13.81 -10.08
CA GLY A 157 5.79 -14.91 -11.00
C GLY A 157 4.48 -15.08 -11.73
N ARG A 158 4.45 -16.05 -12.65
CA ARG A 158 3.27 -16.32 -13.44
C ARG A 158 2.06 -16.61 -12.55
N ASN A 159 2.26 -17.28 -11.42
CA ASN A 159 1.13 -17.61 -10.56
C ASN A 159 0.48 -16.42 -9.88
N ASN A 160 1.13 -15.27 -9.92
CA ASN A 160 0.54 -14.04 -9.40
C ASN A 160 -0.43 -13.39 -10.38
N SER A 161 -0.41 -13.85 -11.63
CA SER A 161 -1.34 -13.40 -12.65
CA SER A 161 -1.30 -13.40 -12.69
C SER A 161 -1.47 -11.88 -12.70
N LEU A 162 -0.35 -11.18 -12.64
CA LEU A 162 -0.36 -9.73 -12.69
C LEU A 162 -1.18 -9.27 -13.91
N GLN A 163 -2.15 -8.41 -13.69
CA GLN A 163 -3.06 -8.02 -14.77
C GLN A 163 -3.61 -6.64 -14.48
N TYR A 164 -4.00 -5.93 -15.52
CA TYR A 164 -4.51 -4.57 -15.39
C TYR A 164 -5.97 -4.54 -15.79
N GLN A 165 -6.79 -3.95 -14.92
CA GLN A 165 -8.24 -3.87 -15.09
C GLN A 165 -8.73 -2.45 -14.89
N LEU A 166 -9.54 -1.91 -15.81
CA LEU A 166 -10.19 -0.62 -15.56
C LEU A 166 -11.26 -0.81 -14.50
N HIS A 167 -11.43 0.15 -13.60
CA HIS A 167 -12.46 0.02 -12.59
C HIS A 167 -13.86 -0.11 -13.21
N LYS A 168 -14.10 0.63 -14.28
CA LYS A 168 -15.42 0.63 -14.92
C LYS A 168 -15.77 -0.72 -15.56
N ASP A 169 -14.76 -1.56 -15.77
CA ASP A 169 -14.99 -2.89 -16.37
C ASP A 169 -15.15 -3.95 -15.29
N THR A 170 -15.24 -3.50 -14.03
CA THR A 170 -15.40 -4.39 -12.89
C THR A 170 -14.16 -5.27 -12.73
N PRO B 2 7.61 27.11 -9.45
CA PRO B 2 8.16 26.15 -8.49
C PRO B 2 8.56 24.84 -9.16
N HIS B 3 9.84 24.71 -9.53
CA HIS B 3 10.34 23.48 -10.13
C HIS B 3 10.22 22.34 -9.14
N MET B 4 9.41 21.36 -9.47
CA MET B 4 9.19 20.24 -8.57
C MET B 4 10.36 19.26 -8.68
N THR B 5 10.74 18.67 -7.55
CA THR B 5 11.74 17.61 -7.53
C THR B 5 11.28 16.56 -6.52
N LYS B 6 11.02 15.36 -7.01
CA LYS B 6 10.43 14.28 -6.24
C LYS B 6 11.32 13.84 -5.09
N LEU B 7 10.69 13.56 -3.96
CA LEU B 7 11.36 13.00 -2.79
C LEU B 7 11.15 11.49 -2.80
N ILE B 8 12.24 10.76 -3.05
CA ILE B 8 12.21 9.34 -3.32
C ILE B 8 13.08 8.61 -2.33
N TYR B 9 12.57 7.49 -1.82
CA TYR B 9 13.35 6.61 -0.96
C TYR B 9 13.36 5.21 -1.50
N GLU B 10 14.52 4.59 -1.41
CA GLU B 10 14.65 3.16 -1.66
C GLU B 10 14.12 2.36 -0.48
N ARG B 11 13.69 1.16 -0.79
CA ARG B 11 13.15 0.28 0.22
CA ARG B 11 13.15 0.27 0.23
C ARG B 11 14.16 0.02 1.34
N ALA B 12 15.41 -0.24 0.98
CA ALA B 12 16.41 -0.58 2.00
C ALA B 12 16.63 0.58 2.97
N PHE B 13 16.66 1.80 2.42
CA PHE B 13 16.84 2.98 3.25
C PHE B 13 15.72 3.07 4.28
N MET B 14 14.49 2.87 3.85
CA MET B 14 13.36 2.93 4.76
C MET B 14 13.36 1.79 5.75
N LYS B 15 13.70 0.56 5.32
CA LYS B 15 13.75 -0.56 6.23
C LYS B 15 14.81 -0.34 7.32
N ASN B 16 15.89 0.34 7.00
CA ASN B 16 16.93 0.62 7.97
CA ASN B 16 16.93 0.63 7.96
C ASN B 16 16.48 1.58 9.06
N LEU B 17 15.36 2.26 8.85
CA LEU B 17 14.76 3.15 9.85
C LEU B 17 13.70 2.46 10.69
N ARG B 18 13.38 1.19 10.41
CA ARG B 18 12.28 0.53 11.10
C ARG B 18 12.50 0.38 12.60
N GLY B 19 13.76 0.24 13.02
CA GLY B 19 14.11 0.11 14.42
C GLY B 19 14.45 1.40 15.13
N SER B 20 14.35 2.53 14.43
CA SER B 20 14.67 3.84 15.01
C SER B 20 13.79 4.12 16.21
N PRO B 21 14.30 4.92 17.16
CA PRO B 21 13.41 5.25 18.28
C PRO B 21 12.14 5.98 17.86
N LEU B 22 12.24 6.75 16.79
CA LEU B 22 11.09 7.50 16.28
C LEU B 22 10.09 6.62 15.53
N SER B 23 10.43 5.37 15.29
CA SER B 23 9.58 4.42 14.60
C SER B 23 8.81 3.50 15.55
N GLN B 24 8.89 3.79 16.84
CA GLN B 24 8.27 2.96 17.88
C GLN B 24 7.14 3.64 18.64
N THR B 25 6.59 4.73 18.10
CA THR B 25 5.56 5.47 18.81
C THR B 25 4.20 4.81 18.64
N PRO B 26 3.58 4.38 19.75
CA PRO B 26 2.24 3.81 19.58
C PRO B 26 1.30 4.80 18.86
N PRO B 27 0.64 4.36 17.79
CA PRO B 27 -0.25 5.28 17.07
C PRO B 27 -1.51 5.58 17.89
N SER B 28 -1.92 6.84 17.93
CA SER B 28 -2.92 7.29 18.89
C SER B 28 -4.36 6.86 18.56
N ASN B 29 -4.76 7.01 17.31
CA ASN B 29 -6.17 6.88 16.95
C ASN B 29 -6.58 5.49 16.40
N VAL B 30 -5.93 4.43 16.88
CA VAL B 30 -6.13 3.10 16.29
C VAL B 30 -7.07 2.23 17.13
N PRO B 31 -8.16 1.72 16.51
CA PRO B 31 -9.08 0.84 17.25
C PRO B 31 -8.35 -0.38 17.82
N SER B 32 -8.74 -0.80 19.02
CA SER B 32 -8.05 -1.88 19.70
C SER B 32 -8.01 -3.14 18.85
N CYS B 33 -9.04 -3.35 18.02
CA CYS B 33 -9.14 -4.55 17.22
C CYS B 33 -8.01 -4.66 16.18
N LEU B 34 -7.36 -3.54 15.87
CA LEU B 34 -6.26 -3.56 14.90
C LEU B 34 -4.88 -3.64 15.52
N LEU B 35 -4.80 -3.63 16.84
CA LEU B 35 -3.47 -3.65 17.45
C LEU B 35 -2.87 -5.06 17.45
N ARG B 36 -1.57 -5.13 17.21
CA ARG B 36 -0.85 -6.39 17.25
C ARG B 36 -1.04 -7.12 18.56
N GLY B 37 -1.28 -8.43 18.46
CA GLY B 37 -1.29 -9.30 19.62
C GLY B 37 -2.56 -9.26 20.44
N THR B 38 -3.49 -8.38 20.06
CA THR B 38 -4.76 -8.27 20.77
C THR B 38 -5.81 -9.16 20.13
NA NA C . 2.94 10.69 -14.62
NA NA D . 8.45 -8.16 5.37
C8 P4G E . 12.48 -10.10 5.42
C7 P4G E . 12.21 -10.22 6.91
O4 P4G E . 12.44 -8.97 7.54
C6 P4G E . 12.08 -8.93 8.90
C5 P4G E . 12.43 -7.57 9.49
O3 P4G E . 12.04 -7.45 10.84
C4 P4G E . 12.27 -6.17 11.38
C3 P4G E . 11.83 -6.03 12.83
O2 P4G E . 11.96 -4.70 13.27
C2 P4G E . 11.74 -4.46 14.64
C1 P4G E . 11.74 -2.97 14.95
H81 P4G E . 12.32 -10.97 4.99
H82 P4G E . 13.40 -9.84 5.27
H83 P4G E . 11.88 -9.44 5.03
H71 P4G E . 12.81 -10.88 7.29
H72 P4G E . 11.29 -10.49 7.05
H61 P4G E . 12.56 -9.62 9.39
H62 P4G E . 11.12 -9.08 8.98
H51 P4G E . 13.40 -7.44 9.42
H52 P4G E . 11.99 -6.87 8.96
H41 P4G E . 13.23 -5.98 11.33
H42 P4G E . 11.81 -5.51 10.84
H31 P4G E . 12.38 -6.62 13.38
H32 P4G E . 10.90 -6.32 12.90
H21 P4G E . 10.86 -4.84 14.89
H22 P4G E . 12.43 -4.90 15.16
H11 P4G E . 11.49 -2.84 15.88
H12 P4G E . 12.63 -2.61 14.80
H13 P4G E . 11.10 -2.52 14.37
#